data_4M6N
#
_entry.id   4M6N
#
_cell.length_a   62.590
_cell.length_b   92.050
_cell.length_c   92.820
_cell.angle_alpha   90.00
_cell.angle_beta   90.00
_cell.angle_gamma   90.00
#
_symmetry.space_group_name_H-M   'P 21 21 21'
#
loop_
_entity.id
_entity.type
_entity.pdbx_description
1 polymer 'CNTO1959 light chain'
2 polymer 'CNTO1959 heavy chain'
3 non-polymer 'FORMIC ACID'
4 water water
#
loop_
_entity_poly.entity_id
_entity_poly.type
_entity_poly.pdbx_seq_one_letter_code
_entity_poly.pdbx_strand_id
1 'polypeptide(L)'
;QSVLTQPPSVSGAPGQRVTISCTGSSSNIGSGYDVHWYQQLPGTAPKLLIYGNSKRPSGVPDRFSGSKSGTSASLAITGL
QSEDEADYYCASWTDGLSLVVFGGGTKLTVLGQPKAAPSVTLFPPSSEELQANKATLVCLISDFYPGAVTVAWKADSSPV
KAGVETTTPSKQSNNKYAASSYLSLTPEQWKSHRSYSCQVTHEGSTVEKTVAPTECS
;
L
2 'polypeptide(L)'
;EVQLVQSGAEVKKPGESLKISCKGSGYSFSNYWIGWVRQMPGKGLEWMGIIDPSNSYTRYSPSFQGQVTISADKSISTAY
LQWSSLKASDTAMYYCARWYYKPFDVWGQGTLVTVSSASTKGPSVFPLAPSSKSTSGGTAALGCLVKDYFPEPVTVSWNS
GALTSGVHTFPAVLQSSGLYSLSSVVTVPSSSLGTQTYICNVNHKPSNTKVDKKVEPKSCHHHHHH
;
H
#
loop_
_chem_comp.id
_chem_comp.type
_chem_comp.name
_chem_comp.formula
FMT non-polymer 'FORMIC ACID' 'C H2 O2'
#
# COMPACT_ATOMS: atom_id res chain seq x y z
N GLN A 1 -22.79 0.02 -12.92
CA GLN A 1 -22.06 -1.25 -12.59
C GLN A 1 -21.30 -1.83 -13.79
N SER A 2 -20.73 -0.97 -14.61
CA SER A 2 -19.75 -1.40 -15.59
C SER A 2 -18.51 -1.85 -14.80
N VAL A 3 -18.12 -3.12 -14.98
CA VAL A 3 -17.08 -3.74 -14.17
C VAL A 3 -16.16 -4.62 -15.02
N LEU A 4 -14.87 -4.59 -14.72
CA LEU A 4 -13.88 -5.51 -15.30
C LEU A 4 -13.31 -6.39 -14.19
N THR A 5 -13.43 -7.70 -14.36
CA THR A 5 -13.06 -8.64 -13.29
C THR A 5 -11.75 -9.36 -13.58
N GLN A 6 -10.81 -9.24 -12.65
CA GLN A 6 -9.50 -9.88 -12.73
C GLN A 6 -9.29 -10.78 -11.52
N PRO A 7 -8.55 -11.89 -11.68
CA PRO A 7 -8.16 -12.64 -10.49
C PRO A 7 -7.23 -11.78 -9.62
N PRO A 8 -7.37 -11.86 -8.28
CA PRO A 8 -6.50 -11.07 -7.40
C PRO A 8 -5.02 -11.38 -7.56
N SER A 9 -4.69 -12.65 -7.79
CA SER A 9 -3.29 -13.04 -7.89
C SER A 9 -3.06 -14.18 -8.88
N VAL A 10 -1.94 -14.10 -9.59
CA VAL A 10 -1.44 -15.21 -10.38
C VAL A 10 0.05 -15.40 -10.04
N SER A 11 0.57 -16.60 -10.23
CA SER A 11 1.99 -16.83 -9.99
C SER A 11 2.56 -17.82 -11.00
N GLY A 12 3.86 -17.71 -11.21
CA GLY A 12 4.59 -18.68 -12.04
C GLY A 12 6.04 -18.60 -11.66
N ALA A 13 6.81 -19.60 -12.04
CA ALA A 13 8.24 -19.61 -11.75
C ALA A 13 8.98 -18.90 -12.88
N PRO A 14 10.22 -18.44 -12.61
CA PRO A 14 11.02 -17.90 -13.71
C PRO A 14 11.05 -18.81 -14.93
N GLY A 15 10.89 -18.24 -16.11
CA GLY A 15 10.95 -19.00 -17.36
C GLY A 15 9.65 -19.67 -17.72
N GLN A 16 8.68 -19.65 -16.80
CA GLN A 16 7.38 -20.26 -17.08
C GLN A 16 6.41 -19.23 -17.65
N ARG A 17 5.13 -19.61 -17.72
CA ARG A 17 4.14 -18.84 -18.44
C ARG A 17 2.90 -18.63 -17.57
N VAL A 18 2.34 -17.43 -17.62
CA VAL A 18 1.06 -17.15 -16.97
C VAL A 18 0.08 -16.48 -17.92
N THR A 19 -1.21 -16.56 -17.58
CA THR A 19 -2.24 -15.79 -18.25
C THR A 19 -3.05 -15.05 -17.17
N ILE A 20 -3.53 -13.86 -17.50
CA ILE A 20 -4.34 -13.04 -16.60
C ILE A 20 -5.63 -12.66 -17.31
N SER A 21 -6.75 -13.18 -16.82
CA SER A 21 -8.03 -12.91 -17.45
C SER A 21 -8.57 -11.56 -17.01
N CYS A 22 -9.43 -10.98 -17.85
CA CYS A 22 -10.11 -9.74 -17.55
C CYS A 22 -11.51 -9.87 -18.16
N THR A 23 -12.47 -10.18 -17.30
CA THR A 23 -13.84 -10.49 -17.73
C THR A 23 -14.75 -9.26 -17.62
N GLY A 24 -15.42 -8.91 -18.71
CA GLY A 24 -16.16 -7.67 -18.78
C GLY A 24 -17.64 -7.81 -18.59
N SER A 25 -18.35 -6.70 -18.77
CA SER A 25 -19.81 -6.67 -18.72
C SER A 25 -20.35 -6.01 -19.98
N SER A 26 -21.68 -5.97 -20.11
CA SER A 26 -22.35 -5.49 -21.32
C SER A 26 -22.01 -4.05 -21.73
N SER A 27 -21.69 -3.20 -20.76
CA SER A 27 -21.40 -1.79 -21.02
C SER A 27 -19.99 -1.53 -21.56
N ASN A 28 -19.05 -2.40 -21.23
CA ASN A 28 -17.65 -2.23 -21.65
C ASN A 28 -17.21 -3.17 -22.79
N ILE A 29 -16.62 -4.33 -22.47
CA ILE A 29 -16.25 -5.31 -23.50
C ILE A 29 -17.49 -5.75 -24.29
N GLY A 30 -18.60 -5.93 -23.57
CA GLY A 30 -19.89 -6.26 -24.19
C GLY A 30 -20.32 -5.32 -25.31
N SER A 31 -20.00 -4.04 -25.17
CA SER A 31 -20.36 -3.04 -26.17
C SER A 31 -19.34 -2.87 -27.31
N GLY A 32 -18.33 -3.74 -27.33
CA GLY A 32 -17.32 -3.73 -28.38
C GLY A 32 -16.05 -2.93 -28.13
N TYR A 33 -15.93 -2.30 -26.96
CA TYR A 33 -14.73 -1.51 -26.66
C TYR A 33 -13.48 -2.36 -26.50
N ASP A 34 -12.36 -1.82 -26.95
CA ASP A 34 -11.05 -2.47 -26.82
C ASP A 34 -10.56 -2.47 -25.37
N VAL A 35 -9.74 -3.46 -25.03
CA VAL A 35 -9.13 -3.55 -23.70
C VAL A 35 -7.64 -3.21 -23.78
N HIS A 36 -7.15 -2.55 -22.74
CA HIS A 36 -5.76 -2.14 -22.65
C HIS A 36 -5.21 -2.63 -21.34
N TRP A 37 -3.90 -2.85 -21.27
CA TRP A 37 -3.26 -3.39 -20.08
C TRP A 37 -2.16 -2.53 -19.56
N TYR A 38 -2.06 -2.46 -18.23
CA TYR A 38 -1.08 -1.64 -17.56
C TYR A 38 -0.28 -2.46 -16.57
N GLN A 39 1.03 -2.23 -16.57
CA GLN A 39 1.95 -2.87 -15.64
C GLN A 39 2.42 -1.83 -14.64
N GLN A 40 2.31 -2.15 -13.35
CA GLN A 40 2.77 -1.24 -12.29
C GLN A 40 3.72 -1.96 -11.33
N LEU A 41 5.00 -1.62 -11.44
CA LEU A 41 6.03 -2.07 -10.51
C LEU A 41 5.89 -1.33 -9.19
N PRO A 42 6.27 -1.97 -8.06
CA PRO A 42 6.17 -1.30 -6.76
C PRO A 42 6.85 0.08 -6.75
N GLY A 43 6.12 1.08 -6.27
CA GLY A 43 6.64 2.44 -6.16
C GLY A 43 6.74 3.25 -7.45
N THR A 44 6.10 2.80 -8.52
CA THR A 44 6.15 3.51 -9.80
C THR A 44 4.76 3.77 -10.38
N ALA A 45 4.67 4.69 -11.34
CA ALA A 45 3.44 4.92 -12.09
C ALA A 45 3.12 3.71 -12.98
N PRO A 46 1.84 3.45 -13.25
CA PRO A 46 1.52 2.39 -14.20
C PRO A 46 2.13 2.69 -15.57
N LYS A 47 2.42 1.63 -16.32
CA LYS A 47 3.00 1.71 -17.66
C LYS A 47 2.09 0.99 -18.63
N LEU A 48 1.79 1.62 -19.77
CA LEU A 48 1.02 0.94 -20.82
C LEU A 48 1.78 -0.27 -21.34
N LEU A 49 1.11 -1.41 -21.37
CA LEU A 49 1.74 -2.66 -21.74
C LEU A 49 1.14 -3.21 -23.04
N ILE A 50 -0.19 -3.19 -23.15
CA ILE A 50 -0.91 -3.64 -24.34
C ILE A 50 -2.02 -2.64 -24.58
N TYR A 51 -2.23 -2.23 -25.83
CA TYR A 51 -3.38 -1.37 -26.17
C TYR A 51 -4.18 -1.99 -27.32
N GLY A 52 -5.45 -1.61 -27.43
CA GLY A 52 -6.29 -2.10 -28.50
C GLY A 52 -6.31 -3.61 -28.56
N ASN A 53 -6.49 -4.23 -27.40
CA ASN A 53 -6.58 -5.69 -27.25
C ASN A 53 -5.27 -6.45 -27.33
N SER A 54 -4.45 -6.16 -28.35
CA SER A 54 -3.32 -7.02 -28.65
C SER A 54 -2.06 -6.30 -29.11
N LYS A 55 -2.11 -4.98 -29.24
CA LYS A 55 -0.96 -4.25 -29.78
C LYS A 55 0.03 -3.89 -28.68
N ARG A 56 1.32 -3.97 -29.01
CA ARG A 56 2.37 -3.64 -28.07
C ARG A 56 2.99 -2.30 -28.41
N PRO A 57 3.12 -1.40 -27.41
CA PRO A 57 3.89 -0.18 -27.61
C PRO A 57 5.35 -0.54 -27.82
N SER A 58 6.12 0.34 -28.45
CA SER A 58 7.54 0.06 -28.64
C SER A 58 8.20 -0.05 -27.27
N GLY A 59 9.15 -0.96 -27.15
CA GLY A 59 9.82 -1.18 -25.87
C GLY A 59 9.24 -2.31 -25.05
N VAL A 60 8.00 -2.70 -25.36
CA VAL A 60 7.37 -3.86 -24.70
C VAL A 60 7.73 -5.13 -25.47
N PRO A 61 8.45 -6.07 -24.81
CA PRO A 61 8.92 -7.31 -25.46
C PRO A 61 7.77 -8.21 -25.89
N ASP A 62 8.00 -9.05 -26.91
CA ASP A 62 6.95 -9.89 -27.49
C ASP A 62 6.51 -11.04 -26.58
N ARG A 63 7.21 -11.20 -25.45
CA ARG A 63 6.84 -12.13 -24.37
C ARG A 63 5.47 -11.81 -23.80
N PHE A 64 5.07 -10.54 -23.91
CA PHE A 64 3.74 -10.09 -23.49
C PHE A 64 2.83 -10.11 -24.70
N SER A 65 1.64 -10.70 -24.54
CA SER A 65 0.65 -10.66 -25.60
C SER A 65 -0.74 -10.54 -25.00
N GLY A 66 -1.65 -9.96 -25.76
CA GLY A 66 -3.02 -9.81 -25.30
C GLY A 66 -4.02 -10.30 -26.34
N SER A 67 -5.17 -10.73 -25.86
CA SER A 67 -6.25 -11.15 -26.73
C SER A 67 -7.60 -10.79 -26.11
N LYS A 68 -8.64 -10.77 -26.92
CA LYS A 68 -10.00 -10.48 -26.46
C LYS A 68 -11.01 -11.23 -27.31
N SER A 69 -11.70 -12.19 -26.68
CA SER A 69 -12.72 -12.98 -27.35
C SER A 69 -13.96 -13.07 -26.46
N GLY A 70 -15.12 -12.81 -27.06
CA GLY A 70 -16.38 -12.76 -26.31
C GLY A 70 -16.38 -11.55 -25.41
N THR A 71 -16.66 -11.77 -24.12
CA THR A 71 -16.56 -10.71 -23.12
C THR A 71 -15.33 -10.92 -22.22
N SER A 72 -14.33 -11.61 -22.73
CA SER A 72 -13.10 -11.88 -21.98
C SER A 72 -11.86 -11.40 -22.72
N ALA A 73 -11.07 -10.56 -22.04
CA ALA A 73 -9.74 -10.23 -22.50
C ALA A 73 -8.73 -11.02 -21.66
N SER A 74 -7.54 -11.21 -22.20
CA SER A 74 -6.53 -11.97 -21.49
C SER A 74 -5.15 -11.43 -21.80
N LEU A 75 -4.29 -11.42 -20.80
CA LEU A 75 -2.89 -11.06 -20.98
C LEU A 75 -2.05 -12.31 -20.75
N ALA A 76 -1.19 -12.63 -21.71
CA ALA A 76 -0.29 -13.75 -21.57
C ALA A 76 1.15 -13.26 -21.42
N ILE A 77 1.88 -13.84 -20.48
CA ILE A 77 3.30 -13.55 -20.30
C ILE A 77 4.06 -14.87 -20.36
N THR A 78 4.98 -14.98 -21.31
CA THR A 78 5.84 -16.16 -21.45
C THR A 78 7.26 -15.82 -20.97
N GLY A 79 8.07 -16.84 -20.73
CA GLY A 79 9.45 -16.65 -20.25
C GLY A 79 9.54 -15.70 -19.07
N LEU A 80 8.72 -15.94 -18.04
CA LEU A 80 8.65 -15.04 -16.88
C LEU A 80 10.00 -14.63 -16.35
N GLN A 81 10.13 -13.36 -16.00
CA GLN A 81 11.36 -12.83 -15.39
C GLN A 81 11.02 -12.14 -14.09
N SER A 82 11.97 -12.07 -13.16
CA SER A 82 11.69 -11.47 -11.85
C SER A 82 11.23 -10.00 -11.94
N GLU A 83 11.71 -9.27 -12.95
CA GLU A 83 11.29 -7.88 -13.16
C GLU A 83 9.85 -7.77 -13.65
N ASP A 84 9.25 -8.91 -14.02
CA ASP A 84 7.84 -8.96 -14.39
C ASP A 84 6.93 -8.88 -13.18
N GLU A 85 7.50 -9.13 -12.00
CA GLU A 85 6.72 -9.12 -10.75
C GLU A 85 6.11 -7.73 -10.53
N ALA A 86 4.78 -7.65 -10.51
CA ALA A 86 4.08 -6.37 -10.56
C ALA A 86 2.58 -6.57 -10.48
N ASP A 87 1.86 -5.46 -10.32
CA ASP A 87 0.41 -5.46 -10.48
C ASP A 87 0.03 -5.16 -11.93
N TYR A 88 -0.92 -5.93 -12.46
CA TYR A 88 -1.37 -5.77 -13.83
C TYR A 88 -2.84 -5.38 -13.81
N TYR A 89 -3.18 -4.33 -14.56
CA TYR A 89 -4.55 -3.84 -14.61
C TYR A 89 -5.05 -3.80 -16.03
N CYS A 90 -6.25 -4.32 -16.24
CA CYS A 90 -6.91 -4.12 -17.52
C CYS A 90 -7.79 -2.89 -17.40
N ALA A 91 -8.12 -2.28 -18.55
CA ALA A 91 -9.00 -1.11 -18.57
C ALA A 91 -9.70 -0.97 -19.91
N SER A 92 -10.83 -0.27 -19.91
CA SER A 92 -11.52 0.04 -21.16
C SER A 92 -12.37 1.29 -21.02
N TRP A 93 -12.66 1.90 -22.15
CA TRP A 93 -13.75 2.84 -22.25
C TRP A 93 -15.04 2.08 -22.01
N THR A 94 -16.10 2.78 -21.64
CA THR A 94 -17.38 2.12 -21.37
C THR A 94 -18.58 3.01 -21.67
N ASP A 95 -19.75 2.40 -21.83
CA ASP A 95 -20.99 3.12 -22.14
C ASP A 95 -21.84 3.54 -20.94
N GLY A 96 -21.57 3.00 -19.75
CA GLY A 96 -22.46 3.24 -18.60
C GLY A 96 -22.45 4.63 -18.00
N LEU A 97 -22.56 4.70 -16.67
CA LEU A 97 -22.48 5.96 -15.93
C LEU A 97 -21.06 6.54 -15.91
N SER A 98 -20.06 5.65 -16.00
CA SER A 98 -18.65 6.04 -16.11
C SER A 98 -18.20 6.05 -17.58
N LEU A 99 -17.08 6.69 -17.86
CA LEU A 99 -16.52 6.65 -19.20
C LEU A 99 -15.32 5.70 -19.29
N VAL A 100 -14.61 5.52 -18.18
CA VAL A 100 -13.43 4.65 -18.13
C VAL A 100 -13.55 3.72 -16.94
N VAL A 101 -13.21 2.44 -17.14
CA VAL A 101 -13.21 1.47 -16.03
C VAL A 101 -11.89 0.70 -15.97
N PHE A 102 -11.33 0.56 -14.77
CA PHE A 102 -10.16 -0.30 -14.52
C PHE A 102 -10.61 -1.60 -13.85
N GLY A 103 -9.95 -2.71 -14.20
CA GLY A 103 -10.11 -3.95 -13.44
C GLY A 103 -9.51 -3.80 -12.05
N GLY A 104 -9.83 -4.72 -11.14
CA GLY A 104 -9.34 -4.63 -9.75
C GLY A 104 -7.86 -4.89 -9.58
N GLY A 105 -7.22 -5.40 -10.63
CA GLY A 105 -5.78 -5.63 -10.58
C GLY A 105 -5.41 -7.05 -10.23
N THR A 106 -4.26 -7.48 -10.73
CA THR A 106 -3.75 -8.83 -10.51
C THR A 106 -2.30 -8.72 -10.10
N LYS A 107 -1.97 -9.19 -8.90
CA LYS A 107 -0.58 -9.23 -8.48
C LYS A 107 0.08 -10.46 -9.07
N LEU A 108 1.12 -10.24 -9.88
CA LEU A 108 1.90 -11.34 -10.42
C LEU A 108 3.08 -11.60 -9.50
N THR A 109 3.17 -12.82 -8.99
CA THR A 109 4.34 -13.22 -8.20
C THR A 109 5.18 -14.18 -9.04
N VAL A 110 6.45 -13.84 -9.21
CA VAL A 110 7.40 -14.72 -9.89
C VAL A 110 8.13 -15.55 -8.82
N LEU A 111 7.85 -16.84 -8.82
CA LEU A 111 8.27 -17.73 -7.72
C LEU A 111 9.75 -18.17 -7.83
N GLY A 112 10.65 -17.26 -7.44
CA GLY A 112 12.09 -17.48 -7.60
C GLY A 112 12.77 -18.07 -6.38
N GLN A 113 12.02 -18.23 -5.29
CA GLN A 113 12.53 -18.85 -4.07
C GLN A 113 11.42 -19.67 -3.43
N PRO A 114 11.78 -20.57 -2.48
CA PRO A 114 10.74 -21.46 -1.95
C PRO A 114 9.75 -20.78 -0.99
N LYS A 115 8.56 -21.35 -0.92
CA LYS A 115 7.52 -20.94 0.04
C LYS A 115 8.02 -21.06 1.48
N ALA A 116 7.79 -20.02 2.27
CA ALA A 116 8.15 -20.03 3.68
C ALA A 116 6.97 -19.53 4.51
N ALA A 117 6.56 -20.35 5.49
CA ALA A 117 5.50 -19.98 6.42
C ALA A 117 5.97 -18.86 7.36
N PRO A 118 5.07 -17.95 7.76
CA PRO A 118 5.47 -16.85 8.63
C PRO A 118 5.79 -17.28 10.06
N SER A 119 6.80 -16.64 10.63
CA SER A 119 7.05 -16.72 12.06
C SER A 119 6.28 -15.56 12.70
N VAL A 120 5.53 -15.84 13.76
CA VAL A 120 4.66 -14.83 14.37
C VAL A 120 5.08 -14.59 15.82
N THR A 121 5.36 -13.32 16.14
CA THR A 121 5.60 -12.92 17.52
C THR A 121 4.53 -11.92 17.94
N LEU A 122 3.81 -12.25 19.02
CA LEU A 122 2.78 -11.37 19.54
C LEU A 122 3.20 -10.77 20.87
N PHE A 123 3.36 -9.44 20.90
CA PHE A 123 3.75 -8.72 22.12
C PHE A 123 2.51 -8.15 22.82
N PRO A 124 2.41 -8.36 24.15
CA PRO A 124 1.32 -7.73 24.91
C PRO A 124 1.66 -6.25 25.13
N PRO A 125 0.66 -5.43 25.56
CA PRO A 125 0.96 -4.03 25.89
C PRO A 125 2.05 -3.94 26.96
N SER A 126 3.00 -3.02 26.78
CA SER A 126 4.07 -2.84 27.76
C SER A 126 3.54 -2.17 29.03
N SER A 127 4.26 -2.35 30.13
CA SER A 127 3.92 -1.68 31.40
C SER A 127 3.92 -0.17 31.22
N GLU A 128 4.98 0.34 30.59
CA GLU A 128 5.11 1.76 30.26
C GLU A 128 3.92 2.29 29.46
N GLU A 129 3.42 1.51 28.51
CA GLU A 129 2.26 1.97 27.73
C GLU A 129 0.99 2.03 28.56
N LEU A 130 0.78 0.99 29.38
CA LEU A 130 -0.41 0.90 30.24
C LEU A 130 -0.46 2.04 31.27
N GLN A 131 0.69 2.40 31.84
CA GLN A 131 0.72 3.53 32.77
C GLN A 131 0.49 4.88 32.05
N ALA A 132 0.60 4.87 30.72
CA ALA A 132 0.25 6.02 29.89
C ALA A 132 -1.22 5.95 29.40
N ASN A 133 -1.99 5.03 29.98
CA ASN A 133 -3.42 4.88 29.70
C ASN A 133 -3.76 4.41 28.28
N LYS A 134 -2.84 3.67 27.67
CA LYS A 134 -3.09 3.06 26.36
C LYS A 134 -2.67 1.60 26.39
N ALA A 135 -3.10 0.85 25.38
CA ALA A 135 -2.71 -0.56 25.25
C ALA A 135 -2.68 -0.91 23.77
N THR A 136 -1.52 -1.34 23.29
CA THR A 136 -1.38 -1.77 21.90
C THR A 136 -0.78 -3.17 21.88
N LEU A 137 -1.49 -4.10 21.24
CA LEU A 137 -0.97 -5.43 20.94
C LEU A 137 -0.20 -5.36 19.63
N VAL A 138 1.02 -5.89 19.64
CA VAL A 138 1.88 -5.80 18.46
C VAL A 138 2.14 -7.19 17.89
N CYS A 139 1.59 -7.44 16.71
CA CYS A 139 1.78 -8.73 16.04
C CYS A 139 2.78 -8.59 14.92
N LEU A 140 3.96 -9.18 15.11
CA LEU A 140 5.02 -9.11 14.12
C LEU A 140 5.16 -10.42 13.37
N ILE A 141 5.21 -10.30 12.04
CA ILE A 141 5.13 -11.45 11.13
C ILE A 141 6.39 -11.41 10.28
N SER A 142 7.21 -12.45 10.39
CA SER A 142 8.52 -12.45 9.74
C SER A 142 8.84 -13.71 8.92
N ASP A 143 9.85 -13.60 8.07
CA ASP A 143 10.45 -14.73 7.34
C ASP A 143 9.48 -15.56 6.50
N PHE A 144 8.53 -14.88 5.86
CA PHE A 144 7.60 -15.59 4.98
C PHE A 144 7.80 -15.26 3.49
N TYR A 145 7.32 -16.16 2.64
CA TYR A 145 7.33 -15.99 1.19
C TYR A 145 6.27 -16.90 0.57
N PRO A 146 5.49 -16.39 -0.41
CA PRO A 146 5.47 -15.05 -1.02
C PRO A 146 4.95 -13.97 -0.06
N GLY A 147 5.11 -12.71 -0.46
CA GLY A 147 4.79 -11.56 0.39
C GLY A 147 3.33 -11.16 0.41
N ALA A 148 2.48 -12.06 0.92
CA ALA A 148 1.06 -11.80 1.08
C ALA A 148 0.55 -12.52 2.31
N VAL A 149 -0.05 -11.77 3.23
CA VAL A 149 -0.70 -12.34 4.40
C VAL A 149 -2.05 -11.69 4.65
N THR A 150 -2.92 -12.40 5.36
CA THR A 150 -4.14 -11.85 5.92
C THR A 150 -4.07 -12.06 7.44
N VAL A 151 -4.39 -11.00 8.18
CA VAL A 151 -4.33 -11.03 9.64
C VAL A 151 -5.74 -10.91 10.19
N ALA A 152 -6.07 -11.75 11.17
CA ALA A 152 -7.34 -11.68 11.87
C ALA A 152 -7.08 -11.64 13.36
N TRP A 153 -7.78 -10.74 14.05
CA TRP A 153 -7.64 -10.58 15.50
C TRP A 153 -8.83 -11.14 16.22
N LYS A 154 -8.58 -11.81 17.35
CA LYS A 154 -9.66 -12.37 18.15
C LYS A 154 -9.57 -11.92 19.60
N ALA A 155 -10.70 -11.44 20.12
CA ALA A 155 -10.86 -11.16 21.55
C ALA A 155 -11.58 -12.36 22.17
N ASP A 156 -10.82 -13.15 22.92
CA ASP A 156 -11.28 -14.46 23.44
C ASP A 156 -11.49 -15.49 22.32
N SER A 157 -12.59 -15.34 21.58
CA SER A 157 -12.86 -16.18 20.40
C SER A 157 -13.65 -15.40 19.36
N SER A 158 -14.07 -14.19 19.71
CA SER A 158 -14.84 -13.34 18.82
C SER A 158 -13.93 -12.41 18.02
N PRO A 159 -14.22 -12.25 16.71
CA PRO A 159 -13.49 -11.31 15.84
C PRO A 159 -13.54 -9.87 16.34
N VAL A 160 -12.43 -9.17 16.22
CA VAL A 160 -12.38 -7.73 16.46
C VAL A 160 -11.78 -7.05 15.23
N LYS A 161 -12.56 -6.15 14.62
CA LYS A 161 -12.12 -5.43 13.42
C LYS A 161 -11.84 -3.96 13.71
N ALA A 162 -12.31 -3.50 14.87
CA ALA A 162 -12.10 -2.13 15.32
C ALA A 162 -10.70 -1.97 15.90
N GLY A 163 -10.03 -0.88 15.52
CA GLY A 163 -8.72 -0.54 16.07
C GLY A 163 -7.58 -1.38 15.53
N VAL A 164 -7.75 -1.90 14.32
CA VAL A 164 -6.74 -2.74 13.66
C VAL A 164 -6.04 -1.97 12.56
N GLU A 165 -4.70 -1.97 12.60
CA GLU A 165 -3.88 -1.44 11.52
C GLU A 165 -2.84 -2.47 11.14
N THR A 166 -2.69 -2.71 9.83
CA THR A 166 -1.78 -3.74 9.32
C THR A 166 -0.97 -3.19 8.15
N THR A 167 0.33 -3.48 8.14
CA THR A 167 1.21 -3.02 7.07
C THR A 167 1.21 -4.01 5.89
N THR A 168 1.43 -3.49 4.69
CA THR A 168 1.63 -4.32 3.52
C THR A 168 3.02 -4.96 3.62
N PRO A 169 3.18 -6.24 3.26
CA PRO A 169 4.49 -6.90 3.46
C PRO A 169 5.61 -6.20 2.71
N SER A 170 6.80 -6.18 3.30
CA SER A 170 8.00 -5.62 2.65
C SER A 170 9.18 -6.55 2.91
N LYS A 171 10.21 -6.46 2.08
CA LYS A 171 11.35 -7.37 2.17
C LYS A 171 12.26 -7.10 3.36
N GLN A 172 12.61 -8.18 4.05
CA GLN A 172 13.67 -8.14 5.06
C GLN A 172 15.00 -8.14 4.32
N SER A 173 16.08 -7.82 5.03
CA SER A 173 17.41 -7.81 4.40
C SER A 173 17.78 -9.20 3.90
N ASN A 174 17.30 -10.24 4.59
CA ASN A 174 17.57 -11.63 4.19
C ASN A 174 16.69 -12.08 3.01
N ASN A 175 15.92 -11.14 2.48
CA ASN A 175 15.17 -11.27 1.22
C ASN A 175 13.83 -12.03 1.32
N LYS A 176 13.50 -12.50 2.51
CA LYS A 176 12.14 -12.98 2.80
C LYS A 176 11.27 -11.76 3.16
N TYR A 177 10.01 -11.99 3.50
CA TYR A 177 9.09 -10.89 3.78
C TYR A 177 8.71 -10.77 5.26
N ALA A 178 8.34 -9.55 5.65
CA ALA A 178 7.86 -9.26 7.00
C ALA A 178 6.65 -8.31 6.94
N ALA A 179 5.76 -8.45 7.92
CA ALA A 179 4.64 -7.53 8.08
C ALA A 179 4.30 -7.37 9.56
N SER A 180 3.45 -6.39 9.86
CA SER A 180 3.09 -6.05 11.23
C SER A 180 1.62 -5.67 11.30
N SER A 181 0.99 -6.02 12.42
CA SER A 181 -0.39 -5.62 12.66
C SER A 181 -0.53 -5.17 14.12
N TYR A 182 -1.36 -4.16 14.33
CA TYR A 182 -1.56 -3.59 15.66
C TYR A 182 -3.02 -3.63 16.04
N LEU A 183 -3.28 -3.98 17.31
CA LEU A 183 -4.62 -3.85 17.88
C LEU A 183 -4.57 -2.86 19.02
N SER A 184 -5.25 -1.73 18.83
CA SER A 184 -5.37 -0.69 19.86
C SER A 184 -6.57 -0.97 20.75
N LEU A 185 -6.33 -0.96 22.06
CA LEU A 185 -7.37 -1.17 23.05
C LEU A 185 -7.23 -0.15 24.16
N THR A 186 -8.32 0.06 24.90
CA THR A 186 -8.26 0.72 26.20
C THR A 186 -7.61 -0.29 27.17
N PRO A 187 -6.90 0.20 28.20
CA PRO A 187 -6.41 -0.76 29.22
C PRO A 187 -7.55 -1.59 29.81
N GLU A 188 -8.75 -1.01 29.88
CA GLU A 188 -9.97 -1.67 30.36
C GLU A 188 -10.33 -2.89 29.50
N GLN A 189 -10.33 -2.70 28.18
CA GLN A 189 -10.60 -3.80 27.23
C GLN A 189 -9.58 -4.92 27.37
N TRP A 190 -8.31 -4.54 27.46
CA TRP A 190 -7.20 -5.48 27.63
C TRP A 190 -7.39 -6.33 28.86
N LYS A 191 -7.79 -5.68 29.96
CA LYS A 191 -8.01 -6.33 31.25
C LYS A 191 -9.32 -7.13 31.34
N SER A 192 -10.33 -6.75 30.56
CA SER A 192 -11.66 -7.36 30.64
C SER A 192 -11.85 -8.70 29.89
N HIS A 193 -10.91 -9.05 29.00
CA HIS A 193 -10.97 -10.32 28.27
C HIS A 193 -9.96 -11.31 28.78
N ARG A 194 -10.26 -12.61 28.59
CA ARG A 194 -9.37 -13.69 29.06
C ARG A 194 -8.04 -13.73 28.32
N SER A 195 -8.10 -13.64 27.00
CA SER A 195 -6.90 -13.59 26.15
C SER A 195 -7.20 -13.02 24.76
N TYR A 196 -6.14 -12.64 24.06
CA TYR A 196 -6.24 -12.09 22.72
C TYR A 196 -5.36 -12.86 21.73
N SER A 197 -5.85 -13.05 20.51
CA SER A 197 -5.11 -13.80 19.50
C SER A 197 -4.87 -13.04 18.20
N CYS A 198 -3.65 -13.20 17.68
CA CYS A 198 -3.31 -12.76 16.33
C CYS A 198 -3.21 -13.98 15.43
N GLN A 199 -4.07 -14.02 14.41
CA GLN A 199 -4.10 -15.15 13.47
C GLN A 199 -3.65 -14.71 12.09
N VAL A 200 -2.53 -15.27 11.64
CA VAL A 200 -1.94 -14.90 10.36
C VAL A 200 -2.14 -16.03 9.36
N THR A 201 -2.83 -15.74 8.26
CA THR A 201 -3.05 -16.70 7.19
C THR A 201 -2.11 -16.45 6.01
N HIS A 202 -1.37 -17.48 5.63
CA HIS A 202 -0.39 -17.42 4.55
C HIS A 202 -0.49 -18.67 3.72
N GLU A 203 -0.73 -18.49 2.42
CA GLU A 203 -0.93 -19.61 1.48
C GLU A 203 -1.87 -20.69 2.05
N GLY A 204 -3.06 -20.25 2.48
CA GLY A 204 -4.09 -21.16 2.98
C GLY A 204 -3.85 -21.77 4.34
N SER A 205 -2.73 -21.43 4.98
CA SER A 205 -2.40 -21.96 6.31
C SER A 205 -2.29 -20.84 7.35
N THR A 206 -2.83 -21.12 8.54
CA THR A 206 -2.92 -20.12 9.61
C THR A 206 -2.01 -20.43 10.79
N VAL A 207 -1.16 -19.47 11.13
CA VAL A 207 -0.35 -19.53 12.36
C VAL A 207 -0.89 -18.51 13.36
N GLU A 208 -1.15 -18.99 14.58
CA GLU A 208 -1.82 -18.20 15.61
C GLU A 208 -0.98 -18.08 16.89
N LYS A 209 -0.86 -16.86 17.40
CA LYS A 209 -0.26 -16.62 18.71
C LYS A 209 -1.26 -15.95 19.64
N THR A 210 -1.13 -16.22 20.94
CA THR A 210 -2.08 -15.73 21.95
C THR A 210 -1.37 -15.11 23.15
N VAL A 211 -1.89 -13.98 23.62
CA VAL A 211 -1.44 -13.34 24.86
C VAL A 211 -2.62 -13.11 25.80
N ALA A 212 -2.36 -13.23 27.11
CA ALA A 212 -3.37 -13.03 28.14
C ALA A 212 -2.86 -11.99 29.15
N PRO A 213 -3.76 -11.13 29.65
CA PRO A 213 -3.41 -10.08 30.64
C PRO A 213 -2.77 -10.61 31.92
N THR A 214 -3.14 -11.83 32.31
CA THR A 214 -2.77 -12.38 33.62
C THR A 214 -1.43 -13.13 33.65
N GLU A 215 -0.78 -13.25 32.50
CA GLU A 215 0.42 -14.08 32.39
C GLU A 215 1.72 -13.29 32.18
N CYS A 216 2.79 -13.77 32.80
CA CYS A 216 4.13 -13.19 32.65
C CYS A 216 5.16 -14.29 32.45
N GLU B 1 10.04 14.51 -26.31
CA GLU B 1 9.42 13.42 -25.53
C GLU B 1 8.12 13.91 -24.87
N VAL B 2 7.04 13.16 -25.08
CA VAL B 2 5.74 13.46 -24.46
C VAL B 2 5.85 13.17 -22.97
N GLN B 3 5.51 14.15 -22.15
CA GLN B 3 5.56 13.98 -20.70
C GLN B 3 4.36 14.61 -20.04
N LEU B 4 3.99 14.06 -18.89
CA LEU B 4 3.10 14.72 -17.95
C LEU B 4 3.83 14.80 -16.62
N VAL B 5 3.92 16.00 -16.06
CA VAL B 5 4.65 16.24 -14.81
C VAL B 5 3.68 16.82 -13.79
N GLN B 6 3.59 16.16 -12.64
CA GLN B 6 2.65 16.56 -11.60
C GLN B 6 3.35 17.36 -10.51
N SER B 7 2.58 18.16 -9.78
CA SER B 7 3.09 18.94 -8.65
C SER B 7 3.52 18.01 -7.50
N GLY B 8 4.34 18.55 -6.61
CA GLY B 8 5.00 17.76 -5.56
C GLY B 8 4.05 17.29 -4.47
N ALA B 9 4.53 16.37 -3.64
CA ALA B 9 3.72 15.75 -2.57
C ALA B 9 3.09 16.80 -1.66
N GLU B 10 1.90 16.50 -1.14
CA GLU B 10 1.17 17.47 -0.31
C GLU B 10 0.87 16.85 1.05
N VAL B 11 1.04 17.66 2.10
CA VAL B 11 0.63 17.27 3.44
C VAL B 11 -0.35 18.33 3.94
N LYS B 12 -1.59 17.91 4.15
CA LYS B 12 -2.68 18.84 4.44
C LYS B 12 -3.53 18.33 5.62
N LYS B 13 -4.50 19.13 6.02
CA LYS B 13 -5.36 18.78 7.14
C LYS B 13 -6.80 18.72 6.67
N PRO B 14 -7.65 17.92 7.33
CA PRO B 14 -9.05 17.84 6.94
C PRO B 14 -9.71 19.21 6.87
N GLY B 15 -10.54 19.40 5.84
CA GLY B 15 -11.24 20.66 5.63
C GLY B 15 -10.50 21.64 4.72
N GLU B 16 -9.18 21.49 4.60
CA GLU B 16 -8.41 22.41 3.78
C GLU B 16 -8.71 22.18 2.31
N SER B 17 -8.60 23.22 1.49
CA SER B 17 -8.72 23.06 0.06
C SER B 17 -7.37 22.68 -0.54
N LEU B 18 -7.40 22.05 -1.71
CA LEU B 18 -6.16 21.67 -2.40
C LEU B 18 -6.41 21.58 -3.89
N LYS B 19 -5.49 22.12 -4.67
CA LYS B 19 -5.50 22.00 -6.12
C LYS B 19 -4.13 21.50 -6.56
N ILE B 20 -4.09 20.29 -7.13
CA ILE B 20 -2.84 19.75 -7.65
C ILE B 20 -2.87 19.81 -9.18
N SER B 21 -1.69 19.83 -9.80
CA SER B 21 -1.58 20.07 -11.23
C SER B 21 -0.89 18.96 -12.02
N CYS B 22 -1.18 18.92 -13.31
CA CYS B 22 -0.66 17.95 -14.24
C CYS B 22 -0.32 18.71 -15.51
N LYS B 23 0.98 18.88 -15.75
CA LYS B 23 1.47 19.74 -16.83
C LYS B 23 1.98 18.88 -17.97
N GLY B 24 1.46 19.14 -19.16
CA GLY B 24 1.85 18.42 -20.37
C GLY B 24 2.97 19.13 -21.12
N SER B 25 3.87 18.34 -21.70
CA SER B 25 4.92 18.87 -22.59
C SER B 25 5.25 17.91 -23.73
N GLY B 26 5.72 18.46 -24.85
CA GLY B 26 6.12 17.66 -26.00
C GLY B 26 4.97 17.17 -26.86
N TYR B 27 3.79 17.76 -26.69
CA TYR B 27 2.63 17.43 -27.53
C TYR B 27 1.57 18.52 -27.42
N SER B 28 0.59 18.50 -28.33
CA SER B 28 -0.51 19.46 -28.27
C SER B 28 -1.52 19.08 -27.19
N PHE B 29 -1.38 19.74 -26.04
CA PHE B 29 -2.16 19.40 -24.84
C PHE B 29 -3.68 19.51 -25.06
N SER B 30 -4.11 20.50 -25.84
CA SER B 30 -5.55 20.75 -26.08
C SER B 30 -6.24 19.59 -26.76
N ASN B 31 -5.48 18.77 -27.49
CA ASN B 31 -6.07 17.77 -28.37
C ASN B 31 -6.28 16.37 -27.80
N TYR B 32 -5.94 16.19 -26.51
CA TYR B 32 -6.07 14.88 -25.85
C TYR B 32 -6.67 15.03 -24.47
N TRP B 33 -7.57 14.11 -24.11
CA TRP B 33 -8.26 14.16 -22.82
C TRP B 33 -7.34 13.71 -21.72
N ILE B 34 -7.52 14.27 -20.53
CA ILE B 34 -6.72 13.91 -19.36
C ILE B 34 -7.60 13.22 -18.32
N GLY B 35 -7.21 12.01 -17.95
CA GLY B 35 -7.88 11.28 -16.88
C GLY B 35 -7.15 11.40 -15.57
N TRP B 36 -7.90 11.33 -14.48
CA TRP B 36 -7.34 11.32 -13.15
C TRP B 36 -7.69 10.03 -12.48
N VAL B 37 -6.72 9.48 -11.76
CA VAL B 37 -6.82 8.14 -11.20
C VAL B 37 -6.37 8.18 -9.74
N ARG B 38 -7.16 7.60 -8.83
CA ARG B 38 -6.75 7.49 -7.42
C ARG B 38 -6.17 6.12 -7.13
N GLN B 39 -5.13 6.09 -6.30
CA GLN B 39 -4.65 4.83 -5.79
C GLN B 39 -4.40 4.91 -4.29
N MET B 40 -5.32 4.35 -3.52
CA MET B 40 -5.17 4.21 -2.06
C MET B 40 -3.92 3.37 -1.79
N PRO B 41 -3.19 3.65 -0.69
CA PRO B 41 -1.98 2.88 -0.47
C PRO B 41 -2.26 1.39 -0.40
N GLY B 42 -1.52 0.61 -1.18
CA GLY B 42 -1.70 -0.84 -1.24
C GLY B 42 -2.91 -1.31 -2.04
N LYS B 43 -3.65 -0.37 -2.64
CA LYS B 43 -4.85 -0.73 -3.39
C LYS B 43 -4.73 -0.55 -4.92
N GLY B 44 -5.83 -0.80 -5.63
CA GLY B 44 -5.87 -0.71 -7.09
C GLY B 44 -6.11 0.70 -7.63
N LEU B 45 -6.12 0.80 -8.95
CA LEU B 45 -6.35 2.08 -9.62
C LEU B 45 -7.83 2.36 -9.67
N GLU B 46 -8.24 3.58 -9.34
CA GLU B 46 -9.65 3.98 -9.41
C GLU B 46 -9.77 5.17 -10.33
N TRP B 47 -10.53 5.02 -11.41
CA TRP B 47 -10.81 6.14 -12.30
C TRP B 47 -11.66 7.17 -11.59
N MET B 48 -11.20 8.42 -11.57
CA MET B 48 -11.91 9.48 -10.86
C MET B 48 -12.76 10.31 -11.81
N GLY B 49 -12.20 10.57 -13.00
CA GLY B 49 -12.85 11.43 -13.97
C GLY B 49 -11.94 11.75 -15.14
N ILE B 50 -12.45 12.54 -16.06
CA ILE B 50 -11.74 12.85 -17.29
C ILE B 50 -12.18 14.22 -17.78
N ILE B 51 -11.27 14.94 -18.43
CA ILE B 51 -11.60 16.25 -18.99
C ILE B 51 -11.08 16.37 -20.42
N ASP B 52 -11.91 16.92 -21.29
CA ASP B 52 -11.50 17.34 -22.64
C ASP B 52 -11.05 18.79 -22.50
N PRO B 53 -9.72 19.03 -22.58
CA PRO B 53 -9.23 20.39 -22.32
C PRO B 53 -9.56 21.38 -23.45
N SER B 54 -9.94 20.90 -24.63
CA SER B 54 -10.28 21.80 -25.73
C SER B 54 -11.55 22.59 -25.42
N ASN B 55 -12.51 21.95 -24.75
CA ASN B 55 -13.81 22.59 -24.52
C ASN B 55 -14.30 22.52 -23.06
N SER B 56 -13.45 22.01 -22.17
CA SER B 56 -13.73 21.94 -20.72
C SER B 56 -14.79 20.91 -20.35
N TYR B 57 -15.15 20.04 -21.28
CA TYR B 57 -16.09 18.95 -20.97
C TYR B 57 -15.46 18.00 -19.95
N THR B 58 -16.20 17.75 -18.86
CA THR B 58 -15.70 16.96 -17.75
C THR B 58 -16.73 15.89 -17.38
N ARG B 59 -16.26 14.68 -17.11
CA ARG B 59 -17.11 13.62 -16.60
C ARG B 59 -16.45 12.95 -15.42
N TYR B 60 -17.24 12.60 -14.41
CA TYR B 60 -16.73 12.02 -13.17
C TYR B 60 -17.28 10.62 -12.97
N SER B 61 -16.51 9.81 -12.28
CA SER B 61 -17.04 8.57 -11.71
C SER B 61 -18.14 8.93 -10.72
N PRO B 62 -19.25 8.15 -10.70
CA PRO B 62 -20.30 8.33 -9.70
C PRO B 62 -19.74 8.34 -8.27
N SER B 63 -18.65 7.60 -8.04
CA SER B 63 -17.99 7.54 -6.74
C SER B 63 -17.30 8.84 -6.34
N PHE B 64 -16.96 9.67 -7.32
CA PHE B 64 -16.22 10.90 -7.06
C PHE B 64 -17.00 12.16 -7.37
N GLN B 65 -18.13 11.99 -8.04
CA GLN B 65 -19.01 13.10 -8.40
C GLN B 65 -19.33 13.92 -7.15
N GLY B 66 -19.06 15.23 -7.19
CA GLY B 66 -19.37 16.11 -6.07
C GLY B 66 -18.33 16.15 -4.96
N GLN B 67 -17.33 15.25 -5.03
CA GLN B 67 -16.26 15.20 -4.03
C GLN B 67 -15.03 15.99 -4.47
N VAL B 68 -14.90 16.19 -5.77
CA VAL B 68 -13.68 16.72 -6.35
C VAL B 68 -14.03 17.47 -7.64
N THR B 69 -13.21 18.44 -8.04
CA THR B 69 -13.40 19.14 -9.30
C THR B 69 -12.17 19.00 -10.18
N ILE B 70 -12.40 18.52 -11.41
CA ILE B 70 -11.36 18.42 -12.42
C ILE B 70 -11.49 19.64 -13.31
N SER B 71 -10.38 20.30 -13.61
CA SER B 71 -10.40 21.45 -14.52
C SER B 71 -9.14 21.45 -15.37
N ALA B 72 -9.05 22.40 -16.30
CA ALA B 72 -7.88 22.51 -17.15
C ALA B 72 -7.71 23.93 -17.62
N ASP B 73 -6.46 24.31 -17.87
CA ASP B 73 -6.14 25.57 -18.53
C ASP B 73 -5.25 25.23 -19.74
N LYS B 74 -5.90 25.07 -20.90
CA LYS B 74 -5.19 24.65 -22.11
C LYS B 74 -4.11 25.63 -22.57
N SER B 75 -4.24 26.91 -22.20
CA SER B 75 -3.28 27.93 -22.62
C SER B 75 -1.90 27.70 -22.01
N ILE B 76 -1.86 26.98 -20.89
CA ILE B 76 -0.60 26.64 -20.24
C ILE B 76 -0.44 25.13 -20.07
N SER B 77 -1.17 24.36 -20.87
CA SER B 77 -1.03 22.90 -20.94
C SER B 77 -1.12 22.21 -19.59
N THR B 78 -2.08 22.62 -18.77
CA THR B 78 -2.20 22.06 -17.42
C THR B 78 -3.61 21.62 -17.09
N ALA B 79 -3.74 20.42 -16.52
CA ALA B 79 -5.00 19.98 -15.94
C ALA B 79 -4.85 19.94 -14.43
N TYR B 80 -5.97 20.04 -13.71
CA TYR B 80 -5.97 20.15 -12.26
C TYR B 80 -6.99 19.21 -11.65
N LEU B 81 -6.77 18.89 -10.38
CA LEU B 81 -7.70 18.13 -9.56
C LEU B 81 -7.80 18.92 -8.25
N GLN B 82 -9.02 19.24 -7.84
CA GLN B 82 -9.24 20.18 -6.75
C GLN B 82 -10.29 19.65 -5.77
N TRP B 83 -9.98 19.76 -4.48
CA TRP B 83 -10.91 19.49 -3.38
C TRP B 83 -11.21 20.79 -2.66
N SER B 84 -12.48 21.03 -2.37
CA SER B 84 -12.89 22.14 -1.51
C SER B 84 -12.64 21.86 -0.02
N SER B 85 -12.75 20.59 0.36
CA SER B 85 -12.61 20.18 1.76
C SER B 85 -12.04 18.77 1.81
N LEU B 86 -10.73 18.65 2.01
CA LEU B 86 -10.08 17.34 2.06
C LEU B 86 -10.58 16.53 3.26
N LYS B 87 -10.70 15.21 3.07
CA LYS B 87 -10.97 14.27 4.16
C LYS B 87 -9.71 13.48 4.43
N ALA B 88 -9.57 12.94 5.65
CA ALA B 88 -8.45 12.05 5.96
C ALA B 88 -8.42 10.89 4.97
N SER B 89 -9.60 10.40 4.59
CA SER B 89 -9.72 9.29 3.66
C SER B 89 -9.28 9.62 2.23
N ASP B 90 -8.96 10.89 1.95
CA ASP B 90 -8.39 11.26 0.64
C ASP B 90 -6.89 10.97 0.55
N THR B 91 -6.30 10.53 1.66
CA THR B 91 -4.88 10.16 1.68
C THR B 91 -4.61 9.08 0.63
N ALA B 92 -3.87 9.43 -0.42
CA ALA B 92 -3.68 8.53 -1.56
C ALA B 92 -2.65 9.09 -2.53
N MET B 93 -2.29 8.28 -3.51
CA MET B 93 -1.55 8.73 -4.68
C MET B 93 -2.55 9.09 -5.77
N TYR B 94 -2.29 10.21 -6.45
CA TYR B 94 -3.14 10.67 -7.55
C TYR B 94 -2.30 10.79 -8.80
N TYR B 95 -2.75 10.15 -9.88
CA TYR B 95 -2.08 10.19 -11.16
C TYR B 95 -2.98 10.84 -12.19
N CYS B 96 -2.35 11.55 -13.13
CA CYS B 96 -3.02 11.93 -14.36
C CYS B 96 -2.43 11.10 -15.50
N ALA B 97 -3.18 10.97 -16.59
CA ALA B 97 -2.69 10.26 -17.77
C ALA B 97 -3.53 10.73 -18.94
N ARG B 98 -2.96 10.71 -20.14
CA ARG B 98 -3.69 11.19 -21.30
C ARG B 98 -4.36 10.06 -22.08
N TRP B 99 -5.58 10.30 -22.54
CA TRP B 99 -6.17 9.35 -23.45
C TRP B 99 -5.55 9.59 -24.81
N TYR B 100 -5.40 8.52 -25.58
CA TYR B 100 -4.64 8.54 -26.83
C TYR B 100 -4.99 7.25 -27.58
N TYR B 101 -4.64 7.11 -28.87
CA TYR B 101 -4.95 5.86 -29.58
C TYR B 101 -4.23 4.69 -28.89
N LYS B 102 -3.13 5.01 -28.21
CA LYS B 102 -2.55 4.13 -27.19
C LYS B 102 -2.96 4.73 -25.83
N PRO B 103 -4.13 4.30 -25.29
CA PRO B 103 -4.71 4.99 -24.12
C PRO B 103 -3.85 4.94 -22.87
N PHE B 104 -3.70 6.10 -22.22
CA PHE B 104 -2.85 6.27 -21.05
C PHE B 104 -1.44 5.73 -21.34
N ASP B 105 -0.92 6.10 -22.51
CA ASP B 105 0.46 5.77 -22.89
C ASP B 105 1.44 6.57 -22.05
N VAL B 106 1.00 7.76 -21.63
CA VAL B 106 1.82 8.66 -20.84
C VAL B 106 1.10 8.98 -19.53
N TRP B 107 1.79 8.77 -18.42
CA TRP B 107 1.26 9.04 -17.09
C TRP B 107 2.10 10.06 -16.42
N GLY B 108 1.51 10.88 -15.56
CA GLY B 108 2.30 11.67 -14.61
C GLY B 108 3.03 10.76 -13.63
N GLN B 109 3.96 11.33 -12.87
CA GLN B 109 4.73 10.56 -11.89
C GLN B 109 3.92 10.33 -10.60
N GLY B 110 2.75 10.95 -10.50
CA GLY B 110 1.91 10.83 -9.32
C GLY B 110 2.15 11.93 -8.31
N THR B 111 1.10 12.30 -7.57
CA THR B 111 1.19 13.24 -6.46
C THR B 111 0.67 12.54 -5.22
N LEU B 112 1.52 12.37 -4.21
CA LEU B 112 1.08 11.81 -2.94
C LEU B 112 0.40 12.90 -2.13
N VAL B 113 -0.82 12.63 -1.70
CA VAL B 113 -1.53 13.55 -0.83
C VAL B 113 -1.76 12.87 0.51
N THR B 114 -1.24 13.48 1.57
CA THR B 114 -1.45 12.99 2.94
C THR B 114 -2.34 13.96 3.70
N VAL B 115 -3.47 13.46 4.21
CA VAL B 115 -4.42 14.32 4.93
C VAL B 115 -4.54 13.84 6.37
N SER B 116 -4.15 14.71 7.30
CA SER B 116 -4.21 14.40 8.72
C SER B 116 -4.45 15.64 9.57
N SER B 117 -5.29 15.47 10.60
CA SER B 117 -5.60 16.52 11.55
C SER B 117 -4.47 16.80 12.54
N ALA B 118 -3.43 15.96 12.52
CA ALA B 118 -2.33 16.01 13.49
C ALA B 118 -1.45 17.26 13.34
N SER B 119 -0.99 17.77 14.47
CA SER B 119 0.13 18.72 14.49
C SER B 119 1.41 17.89 14.55
N THR B 120 2.55 18.50 14.25
CA THR B 120 3.85 17.86 14.48
C THR B 120 3.85 17.33 15.91
N LYS B 121 4.24 16.06 16.05
CA LYS B 121 4.24 15.40 17.34
C LYS B 121 5.32 14.33 17.35
N GLY B 122 6.14 14.35 18.38
CA GLY B 122 7.18 13.36 18.56
C GLY B 122 6.57 12.07 19.10
N PRO B 123 7.20 10.93 18.81
CA PRO B 123 6.62 9.64 19.21
C PRO B 123 6.83 9.33 20.68
N SER B 124 5.96 8.49 21.23
CA SER B 124 6.25 7.79 22.48
C SER B 124 6.88 6.45 22.12
N VAL B 125 8.00 6.13 22.74
CA VAL B 125 8.72 4.89 22.44
C VAL B 125 8.54 3.89 23.58
N PHE B 126 7.98 2.73 23.25
CA PHE B 126 7.69 1.69 24.25
C PHE B 126 8.48 0.42 23.99
N PRO B 127 9.01 -0.21 25.06
CA PRO B 127 9.79 -1.42 24.86
C PRO B 127 8.90 -2.62 24.53
N LEU B 128 9.36 -3.45 23.61
CA LEU B 128 8.70 -4.73 23.33
C LEU B 128 9.61 -5.82 23.85
N ALA B 129 9.33 -6.24 25.08
CA ALA B 129 10.25 -7.11 25.83
C ALA B 129 10.23 -8.53 25.31
N PRO B 130 11.39 -9.23 25.36
CA PRO B 130 11.39 -10.65 25.00
C PRO B 130 10.76 -11.47 26.12
N SER B 131 9.99 -12.49 25.76
CA SER B 131 9.31 -13.34 26.75
C SER B 131 10.18 -14.52 27.19
N GLY B 137 14.72 -20.98 17.85
CA GLY B 137 15.64 -22.01 18.30
C GLY B 137 16.84 -21.43 19.02
N GLY B 138 16.64 -21.06 20.29
CA GLY B 138 17.69 -20.47 21.11
C GLY B 138 17.82 -18.96 20.98
N THR B 139 17.00 -18.34 20.12
CA THR B 139 16.98 -16.89 19.97
C THR B 139 15.68 -16.28 20.51
N ALA B 140 15.74 -14.99 20.82
CA ALA B 140 14.61 -14.24 21.33
C ALA B 140 14.32 -13.02 20.46
N ALA B 141 13.04 -12.71 20.27
CA ALA B 141 12.63 -11.52 19.54
C ALA B 141 12.21 -10.41 20.50
N LEU B 142 12.84 -9.26 20.35
CA LEU B 142 12.49 -8.05 21.11
C LEU B 142 12.51 -6.84 20.19
N GLY B 143 11.90 -5.75 20.63
CA GLY B 143 11.83 -4.55 19.81
C GLY B 143 11.38 -3.29 20.50
N CYS B 144 11.01 -2.30 19.68
CA CYS B 144 10.49 -1.03 20.18
C CYS B 144 9.26 -0.62 19.40
N LEU B 145 8.25 -0.17 20.13
CA LEU B 145 7.04 0.39 19.53
C LEU B 145 7.18 1.91 19.50
N VAL B 146 7.22 2.47 18.30
CA VAL B 146 7.36 3.92 18.10
C VAL B 146 5.96 4.47 17.80
N LYS B 147 5.32 5.00 18.82
CA LYS B 147 3.88 5.25 18.77
C LYS B 147 3.51 6.73 18.67
N ASP B 148 2.52 7.02 17.82
CA ASP B 148 1.82 8.31 17.80
C ASP B 148 2.68 9.52 17.43
N TYR B 149 3.21 9.51 16.22
CA TYR B 149 4.03 10.61 15.75
C TYR B 149 3.51 11.20 14.44
N PHE B 150 3.94 12.42 14.15
CA PHE B 150 3.61 13.11 12.91
C PHE B 150 4.60 14.25 12.65
N PRO B 151 5.04 14.44 11.40
CA PRO B 151 4.76 13.61 10.22
C PRO B 151 5.85 12.53 10.06
N GLU B 152 5.86 11.84 8.92
CA GLU B 152 6.98 10.98 8.52
C GLU B 152 8.24 11.85 8.31
N PRO B 153 9.44 11.26 8.46
CA PRO B 153 9.73 9.89 8.87
C PRO B 153 10.38 9.85 10.26
N VAL B 154 10.53 8.64 10.79
CA VAL B 154 11.41 8.42 11.95
C VAL B 154 12.54 7.48 11.57
N THR B 155 13.69 7.64 12.21
CA THR B 155 14.82 6.74 12.03
C THR B 155 14.95 5.88 13.27
N VAL B 156 15.16 4.58 13.09
CA VAL B 156 15.46 3.68 14.19
C VAL B 156 16.79 2.95 13.97
N SER B 157 17.65 3.00 14.98
CA SER B 157 18.85 2.18 15.00
C SER B 157 18.92 1.41 16.32
N TRP B 158 19.76 0.38 16.36
CA TRP B 158 19.97 -0.41 17.58
C TRP B 158 21.40 -0.33 18.01
N ASN B 159 21.61 -0.01 19.29
CA ASN B 159 22.93 0.18 19.87
C ASN B 159 23.83 1.11 19.04
N SER B 160 23.27 2.29 18.74
CA SER B 160 23.95 3.35 17.99
C SER B 160 24.47 2.95 16.60
N GLY B 161 23.88 1.89 16.04
CA GLY B 161 24.27 1.39 14.72
C GLY B 161 25.11 0.14 14.76
N ALA B 162 25.64 -0.19 15.94
CA ALA B 162 26.52 -1.35 16.14
C ALA B 162 25.79 -2.68 15.99
N LEU B 163 24.49 -2.67 16.23
CA LEU B 163 23.64 -3.86 16.08
C LEU B 163 22.75 -3.73 14.85
N THR B 164 23.10 -4.49 13.81
CA THR B 164 22.38 -4.42 12.53
C THR B 164 21.84 -5.77 12.06
N SER B 165 22.48 -6.85 12.51
CA SER B 165 22.02 -8.20 12.17
C SER B 165 20.76 -8.58 12.94
N GLY B 166 19.80 -9.19 12.24
CA GLY B 166 18.54 -9.61 12.84
C GLY B 166 17.49 -8.51 12.95
N VAL B 167 17.89 -7.28 12.64
CA VAL B 167 17.03 -6.09 12.77
C VAL B 167 16.07 -5.90 11.58
N HIS B 168 14.78 -5.77 11.86
CA HIS B 168 13.82 -5.29 10.86
C HIS B 168 13.01 -4.16 11.40
N THR B 169 13.05 -3.02 10.69
CA THR B 169 12.23 -1.86 11.05
C THR B 169 11.11 -1.75 10.02
N PHE B 170 9.88 -1.86 10.52
CA PHE B 170 8.71 -1.94 9.65
C PHE B 170 8.30 -0.58 9.10
N PRO B 171 7.55 -0.56 7.99
CA PRO B 171 6.93 0.69 7.56
C PRO B 171 5.87 1.16 8.55
N ALA B 172 5.55 2.45 8.51
CA ALA B 172 4.58 3.05 9.43
C ALA B 172 3.15 2.76 8.99
N VAL B 173 2.24 2.64 9.95
CA VAL B 173 0.80 2.71 9.69
C VAL B 173 0.31 4.11 10.03
N LEU B 174 -0.55 4.66 9.17
CA LEU B 174 -1.27 5.88 9.49
C LEU B 174 -2.58 5.48 10.16
N GLN B 175 -2.74 5.83 11.43
CA GLN B 175 -3.90 5.41 12.19
C GLN B 175 -5.09 6.33 11.93
N SER B 176 -6.29 5.91 12.35
CA SER B 176 -7.50 6.70 12.24
C SER B 176 -7.41 8.01 13.00
N SER B 177 -6.52 8.04 13.98
CA SER B 177 -6.26 9.23 14.78
C SER B 177 -5.53 10.32 14.00
N GLY B 178 -4.98 9.97 12.85
CA GLY B 178 -4.15 10.92 12.08
C GLY B 178 -2.68 10.85 12.42
N LEU B 179 -2.31 9.97 13.35
CA LEU B 179 -0.92 9.80 13.76
C LEU B 179 -0.32 8.49 13.24
N TYR B 180 0.99 8.48 13.02
CA TYR B 180 1.71 7.29 12.58
C TYR B 180 2.17 6.46 13.76
N SER B 181 2.29 5.15 13.53
CA SER B 181 3.05 4.26 14.42
C SER B 181 3.88 3.28 13.58
N LEU B 182 5.06 2.95 14.07
CA LEU B 182 5.82 1.84 13.50
C LEU B 182 6.49 1.05 14.61
N SER B 183 7.09 -0.08 14.23
CA SER B 183 7.82 -0.93 15.16
C SER B 183 9.14 -1.36 14.54
N SER B 184 10.09 -1.71 15.40
CA SER B 184 11.39 -2.23 14.99
C SER B 184 11.75 -3.40 15.89
N VAL B 185 12.07 -4.55 15.28
CA VAL B 185 12.50 -5.73 16.03
C VAL B 185 13.91 -6.19 15.69
N VAL B 186 14.54 -6.81 16.68
CA VAL B 186 15.82 -7.50 16.49
C VAL B 186 15.74 -8.89 17.12
N THR B 187 16.28 -9.87 16.41
CA THR B 187 16.41 -11.23 16.93
C THR B 187 17.80 -11.37 17.56
N VAL B 188 17.84 -11.84 18.80
CA VAL B 188 19.08 -11.93 19.58
C VAL B 188 19.15 -13.28 20.32
N PRO B 189 20.38 -13.74 20.68
CA PRO B 189 20.50 -15.01 21.41
C PRO B 189 19.86 -14.94 22.81
N SER B 190 19.11 -15.98 23.17
CA SER B 190 18.47 -16.09 24.49
C SER B 190 19.45 -16.00 25.66
N SER B 191 20.64 -16.54 25.46
CA SER B 191 21.66 -16.56 26.52
C SER B 191 22.35 -15.21 26.72
N SER B 192 22.23 -14.33 25.73
CA SER B 192 22.80 -12.98 25.81
C SER B 192 21.90 -11.99 26.56
N LEU B 193 20.71 -12.44 26.95
CA LEU B 193 19.76 -11.59 27.68
C LEU B 193 20.18 -11.39 29.13
N GLY B 194 20.09 -10.15 29.60
CA GLY B 194 20.58 -9.78 30.92
C GLY B 194 22.02 -9.33 30.87
N THR B 195 22.87 -10.15 30.26
CA THR B 195 24.28 -9.82 30.06
C THR B 195 24.49 -8.71 29.01
N GLN B 196 23.96 -8.91 27.80
CA GLN B 196 24.10 -7.93 26.73
C GLN B 196 22.94 -6.94 26.77
N THR B 197 23.26 -5.65 26.63
CA THR B 197 22.26 -4.57 26.74
C THR B 197 21.75 -4.09 25.37
N TYR B 198 20.42 -3.96 25.26
CA TYR B 198 19.80 -3.58 23.98
C TYR B 198 19.04 -2.25 24.07
N ILE B 199 19.42 -1.31 23.20
CA ILE B 199 18.82 0.01 23.17
C ILE B 199 18.40 0.36 21.74
N CYS B 200 17.14 0.73 21.56
CA CYS B 200 16.70 1.29 20.29
C CYS B 200 16.86 2.80 20.31
N ASN B 201 17.38 3.36 19.22
CA ASN B 201 17.60 4.80 19.11
C ASN B 201 16.62 5.38 18.11
N VAL B 202 15.69 6.20 18.62
CA VAL B 202 14.61 6.73 17.79
C VAL B 202 14.81 8.21 17.48
N ASN B 203 14.90 8.52 16.19
CA ASN B 203 15.09 9.88 15.74
C ASN B 203 13.87 10.36 14.96
N HIS B 204 13.26 11.45 15.42
CA HIS B 204 12.18 12.12 14.70
C HIS B 204 12.55 13.56 14.48
N LYS B 205 13.14 13.85 13.32
CA LYS B 205 13.66 15.19 13.02
C LYS B 205 12.62 16.31 13.08
N PRO B 206 11.46 16.13 12.40
CA PRO B 206 10.42 17.18 12.37
C PRO B 206 10.05 17.79 13.73
N SER B 207 10.17 17.00 14.80
CA SER B 207 9.86 17.48 16.15
C SER B 207 11.11 17.58 17.04
N ASN B 208 12.27 17.37 16.44
CA ASN B 208 13.55 17.32 17.19
C ASN B 208 13.50 16.41 18.41
N THR B 209 12.95 15.20 18.22
CA THR B 209 12.89 14.21 19.29
C THR B 209 13.95 13.13 19.05
N LYS B 210 14.78 12.91 20.08
CA LYS B 210 15.71 11.79 20.12
C LYS B 210 15.44 11.03 21.40
N VAL B 211 15.02 9.78 21.26
CA VAL B 211 14.73 8.92 22.40
C VAL B 211 15.65 7.72 22.33
N ASP B 212 16.23 7.37 23.49
CA ASP B 212 16.97 6.13 23.66
C ASP B 212 16.20 5.29 24.67
N LYS B 213 15.67 4.16 24.20
CA LYS B 213 14.92 3.26 25.06
C LYS B 213 15.64 1.92 25.18
N LYS B 214 16.02 1.58 26.41
CA LYS B 214 16.61 0.31 26.73
C LYS B 214 15.49 -0.73 26.81
N VAL B 215 15.66 -1.85 26.13
CA VAL B 215 14.66 -2.93 26.15
C VAL B 215 15.22 -4.14 26.92
N GLU B 216 14.59 -4.46 28.05
CA GLU B 216 15.08 -5.52 28.95
C GLU B 216 14.03 -6.60 29.26
N PRO B 217 14.47 -7.81 29.66
CA PRO B 217 13.52 -8.92 29.87
C PRO B 217 12.60 -8.72 31.06
N LYS B 218 11.66 -9.64 31.23
CA LYS B 218 10.70 -9.60 32.33
C LYS B 218 11.14 -10.53 33.47
C FMT C . -7.57 12.34 11.15
O1 FMT C . -6.56 12.75 10.60
O2 FMT C . -8.13 13.07 12.12
C FMT D . -15.10 19.67 -4.90
O1 FMT D . -14.63 20.24 -5.86
O2 FMT D . -14.40 19.63 -3.76
#